data_1Y8C
#
_entry.id   1Y8C
#
_cell.length_a   67.918
_cell.length_b   67.918
_cell.length_c   134.499
_cell.angle_alpha   90.00
_cell.angle_beta   90.00
_cell.angle_gamma   120.00
#
_symmetry.space_group_name_H-M   'P 32 2 1'
#
loop_
_entity.id
_entity.type
_entity.pdbx_description
1 polymer 'S-adenosylmethionine-dependent methyltransferase'
2 non-polymer 'SULFATE ION'
3 water water
#
_entity_poly.entity_id   1
_entity_poly.type   'polypeptide(L)'
_entity_poly.pdbx_seq_one_letter_code
;NCYNKFAHIYDKLIRADVDYKKWSDFIIEKCVENNLVFDDYLDLACGTGNLTENLCPKFKNTWAVDLSQE(MSE)LSEAE
NKFRSQGLKPRLACQDISNLNINRKFDLITCCLDSTNYIIDSDDLKKYFKAVSNHLKEGGVFIFDINSYYKLSQVLGNND
FNYDDDEVFYYWENQFEDDLVS(MSE)YISFFVRDGEFYKRFDEEHEERAYKEEDIEKYLKHGQLNILDKVDCYSNKKVE
KFTERITYLVKLGG
;
_entity_poly.pdbx_strand_id   A
#
loop_
_chem_comp.id
_chem_comp.type
_chem_comp.name
_chem_comp.formula
SO4 non-polymer 'SULFATE ION' 'O4 S -2'
#
# COMPACT_ATOMS: atom_id res chain seq x y z
N ASN A 1 -9.77 16.12 8.18
CA ASN A 1 -9.79 14.85 8.97
C ASN A 1 -11.12 14.08 8.82
N CYS A 2 -11.81 14.24 7.68
CA CYS A 2 -13.08 13.54 7.43
C CYS A 2 -12.76 12.21 6.74
N TYR A 3 -12.48 12.27 5.44
CA TYR A 3 -12.11 11.08 4.66
C TYR A 3 -10.84 10.51 5.29
N ASN A 4 -10.07 11.38 5.94
CA ASN A 4 -8.85 10.97 6.60
C ASN A 4 -9.23 10.13 7.83
N LYS A 5 -10.27 10.57 8.54
CA LYS A 5 -10.74 9.86 9.73
C LYS A 5 -11.20 8.47 9.30
N PHE A 6 -12.01 8.44 8.25
CA PHE A 6 -12.53 7.18 7.72
C PHE A 6 -11.38 6.24 7.33
N ALA A 7 -10.33 6.81 6.73
CA ALA A 7 -9.17 6.01 6.33
C ALA A 7 -8.56 5.30 7.54
N HIS A 8 -8.51 5.98 8.68
CA HIS A 8 -7.96 5.39 9.89
C HIS A 8 -8.87 4.26 10.33
N ILE A 9 -10.17 4.54 10.35
CA ILE A 9 -11.15 3.54 10.75
C ILE A 9 -10.97 2.28 9.90
N TYR A 10 -10.88 2.46 8.60
CA TYR A 10 -10.72 1.36 7.65
C TYR A 10 -9.49 0.53 7.97
N ASP A 11 -8.34 1.20 8.06
CA ASP A 11 -7.09 0.52 8.35
C ASP A 11 -7.07 -0.19 9.68
N LYS A 12 -7.79 0.36 10.66
CA LYS A 12 -7.84 -0.23 11.99
C LYS A 12 -8.83 -1.40 12.09
N LEU A 13 -9.92 -1.34 11.35
CA LEU A 13 -10.91 -2.39 11.42
C LEU A 13 -10.80 -3.43 10.30
N ILE A 14 -10.68 -2.98 9.06
CA ILE A 14 -10.60 -3.93 7.96
C ILE A 14 -9.22 -4.57 7.82
N ARG A 15 -8.18 -3.74 7.73
CA ARG A 15 -6.80 -4.25 7.61
C ARG A 15 -6.39 -4.96 8.90
N ALA A 16 -6.57 -4.27 10.03
CA ALA A 16 -6.26 -4.80 11.36
C ALA A 16 -4.80 -5.08 11.73
N ASP A 17 -3.92 -5.16 10.73
CA ASP A 17 -2.52 -5.43 11.04
C ASP A 17 -1.60 -4.31 10.55
N VAL A 18 -2.08 -3.08 10.65
CA VAL A 18 -1.31 -1.93 10.20
C VAL A 18 -0.84 -1.02 11.31
N ASP A 19 0.44 -0.69 11.30
CA ASP A 19 1.04 0.21 12.29
C ASP A 19 1.97 1.14 11.50
N TYR A 20 1.56 2.40 11.35
CA TYR A 20 2.34 3.36 10.59
C TYR A 20 3.78 3.46 11.07
N LYS A 21 4.00 3.96 12.29
CA LYS A 21 5.34 4.10 12.82
C LYS A 21 6.14 2.81 12.68
N LYS A 22 5.54 1.68 13.04
CA LYS A 22 6.26 0.42 12.92
C LYS A 22 6.76 0.22 11.49
N TRP A 23 5.86 0.33 10.52
CA TRP A 23 6.24 0.14 9.13
C TRP A 23 7.26 1.18 8.69
N SER A 24 6.99 2.46 8.94
CA SER A 24 7.93 3.48 8.54
C SER A 24 9.31 3.22 9.15
N ASP A 25 9.37 2.90 10.43
CA ASP A 25 10.66 2.63 11.08
C ASP A 25 11.33 1.44 10.41
N PHE A 26 10.57 0.38 10.17
CA PHE A 26 11.13 -0.79 9.52
C PHE A 26 11.72 -0.38 8.18
N ILE A 27 11.01 0.48 7.44
CA ILE A 27 11.49 0.89 6.14
C ILE A 27 12.75 1.72 6.24
N ILE A 28 12.78 2.67 7.17
CA ILE A 28 13.96 3.49 7.34
C ILE A 28 15.14 2.59 7.67
N GLU A 29 14.91 1.65 8.59
CA GLU A 29 15.93 0.71 9.03
C GLU A 29 16.55 -0.02 7.85
N LYS A 30 15.69 -0.53 6.98
CA LYS A 30 16.16 -1.24 5.80
C LYS A 30 16.89 -0.31 4.84
N CYS A 31 16.49 0.95 4.81
CA CYS A 31 17.14 1.93 3.95
C CYS A 31 18.57 2.14 4.42
N VAL A 32 18.74 2.25 5.73
CA VAL A 32 20.04 2.43 6.33
C VAL A 32 20.92 1.20 6.08
N GLU A 33 20.35 0.01 6.19
CA GLU A 33 21.14 -1.19 5.95
C GLU A 33 21.58 -1.27 4.49
N ASN A 34 21.04 -0.41 3.65
CA ASN A 34 21.38 -0.41 2.23
C ASN A 34 22.14 0.84 1.79
N ASN A 35 22.82 1.47 2.76
CA ASN A 35 23.60 2.68 2.52
C ASN A 35 22.86 3.69 1.65
N LEU A 36 21.55 3.75 1.81
CA LEU A 36 20.73 4.64 1.01
C LEU A 36 20.99 6.12 1.26
N VAL A 37 20.93 6.91 0.20
CA VAL A 37 21.11 8.34 0.31
C VAL A 37 19.71 8.92 0.33
N PHE A 38 19.34 9.54 1.43
CA PHE A 38 18.00 10.09 1.56
C PHE A 38 17.69 11.36 0.78
N ASP A 39 17.88 11.32 -0.52
CA ASP A 39 17.59 12.47 -1.35
C ASP A 39 16.17 12.49 -1.90
N ASP A 40 15.79 11.45 -2.63
CA ASP A 40 14.47 11.41 -3.25
C ASP A 40 13.60 10.21 -2.90
N TYR A 41 12.39 10.54 -2.45
CA TYR A 41 11.39 9.57 -2.02
C TYR A 41 10.04 9.67 -2.74
N LEU A 42 9.59 8.53 -3.25
CA LEU A 42 8.31 8.42 -3.96
C LEU A 42 7.43 7.37 -3.30
N ASP A 43 6.23 7.80 -2.92
CA ASP A 43 5.29 6.87 -2.33
C ASP A 43 4.10 6.72 -3.28
N LEU A 44 3.95 5.52 -3.85
CA LEU A 44 2.86 5.23 -4.78
C LEU A 44 1.65 4.76 -3.98
N ALA A 45 0.48 5.24 -4.35
CA ALA A 45 -0.73 4.84 -3.63
C ALA A 45 -0.60 5.38 -2.21
N CYS A 46 -0.23 6.66 -2.10
CA CYS A 46 -0.07 7.29 -0.81
C CYS A 46 -1.37 7.44 -0.01
N GLY A 47 -2.52 7.24 -0.65
CA GLY A 47 -3.77 7.39 0.06
C GLY A 47 -3.89 8.76 0.70
N THR A 48 -4.24 8.80 1.98
CA THR A 48 -4.33 10.09 2.68
C THR A 48 -3.01 10.46 3.35
N GLY A 49 -1.92 9.83 2.93
CA GLY A 49 -0.61 10.14 3.46
C GLY A 49 -0.25 9.68 4.85
N ASN A 50 -0.86 8.60 5.33
CA ASN A 50 -0.56 8.11 6.67
C ASN A 50 0.81 7.49 6.79
N LEU A 51 1.39 7.11 5.66
CA LEU A 51 2.71 6.52 5.67
C LEU A 51 3.70 7.55 5.16
N THR A 52 3.23 8.42 4.27
CA THR A 52 4.07 9.44 3.68
C THR A 52 4.55 10.45 4.71
N GLU A 53 3.67 10.86 5.61
CA GLU A 53 4.02 11.83 6.65
C GLU A 53 5.12 11.31 7.58
N ASN A 54 5.33 10.00 7.61
CA ASN A 54 6.38 9.45 8.46
C ASN A 54 7.73 9.41 7.78
N LEU A 55 7.75 9.10 6.47
CA LEU A 55 8.97 8.98 5.70
C LEU A 55 9.39 10.27 4.99
N CYS A 56 8.40 11.06 4.60
CA CYS A 56 8.67 12.32 3.91
C CYS A 56 9.70 13.22 4.61
N PRO A 57 9.58 13.40 5.94
CA PRO A 57 10.55 14.24 6.67
C PRO A 57 11.99 13.73 6.69
N LYS A 58 12.18 12.49 6.32
CA LYS A 58 13.53 11.92 6.32
C LYS A 58 14.25 12.18 5.00
N PHE A 59 13.54 12.69 3.99
CA PHE A 59 14.15 12.97 2.69
C PHE A 59 14.15 14.45 2.32
N LYS A 60 14.84 14.77 1.22
CA LYS A 60 14.89 16.15 0.76
C LYS A 60 13.71 16.44 -0.15
N ASN A 61 13.46 15.54 -1.10
CA ASN A 61 12.35 15.72 -2.04
C ASN A 61 11.44 14.51 -2.01
N THR A 62 10.13 14.77 -1.92
CA THR A 62 9.15 13.71 -1.88
C THR A 62 8.04 13.88 -2.92
N TRP A 63 7.62 12.74 -3.47
CA TRP A 63 6.53 12.69 -4.43
C TRP A 63 5.52 11.67 -3.94
N ALA A 64 4.26 12.06 -3.96
CA ALA A 64 3.17 11.20 -3.51
C ALA A 64 2.18 11.07 -4.67
N VAL A 65 1.88 9.83 -5.04
CA VAL A 65 0.97 9.57 -6.14
C VAL A 65 -0.18 8.66 -5.72
N ASP A 66 -1.38 8.98 -6.16
CA ASP A 66 -2.55 8.19 -5.83
C ASP A 66 -3.62 8.47 -6.88
N LEU A 67 -4.44 7.47 -7.16
CA LEU A 67 -5.48 7.62 -8.16
C LEU A 67 -6.68 8.41 -7.66
N SER A 68 -6.92 8.35 -6.35
CA SER A 68 -8.05 9.05 -5.76
C SER A 68 -7.84 10.53 -5.52
N GLN A 69 -8.43 11.37 -6.37
CA GLN A 69 -8.30 12.81 -6.20
C GLN A 69 -8.74 13.18 -4.79
N GLU A 70 -9.80 12.54 -4.32
CA GLU A 70 -10.34 12.83 -3.00
C GLU A 70 -9.28 12.64 -1.92
N MSE A 71 -8.57 11.52 -2.00
CA MSE A 71 -7.54 11.23 -1.02
C MSE A 71 -6.33 12.15 -1.13
O MSE A 71 -5.77 12.56 -0.12
CB MSE A 71 -7.09 9.80 -1.18
CG MSE A 71 -8.23 8.83 -1.26
SE MSE A 71 -7.94 7.36 -0.11
CE MSE A 71 -9.09 7.99 1.32
N LEU A 72 -5.92 12.47 -2.36
CA LEU A 72 -4.77 13.33 -2.54
C LEU A 72 -4.98 14.63 -1.82
N SER A 73 -6.18 15.17 -1.97
CA SER A 73 -6.56 16.43 -1.33
C SER A 73 -6.39 16.30 0.20
N GLU A 74 -6.86 15.19 0.77
CA GLU A 74 -6.71 14.99 2.20
C GLU A 74 -5.24 15.02 2.58
N ALA A 75 -4.46 14.17 1.93
CA ALA A 75 -3.04 14.11 2.21
C ALA A 75 -2.41 15.50 2.11
N GLU A 76 -2.81 16.26 1.08
CA GLU A 76 -2.28 17.60 0.89
C GLU A 76 -2.55 18.49 2.11
N ASN A 77 -3.77 18.42 2.63
CA ASN A 77 -4.10 19.23 3.80
C ASN A 77 -3.24 18.80 4.98
N LYS A 78 -3.06 17.49 5.11
CA LYS A 78 -2.25 16.94 6.18
C LYS A 78 -0.81 17.42 6.02
N PHE A 79 -0.22 17.16 4.86
CA PHE A 79 1.14 17.59 4.62
C PHE A 79 1.32 19.07 4.95
N ARG A 80 0.38 19.90 4.51
CA ARG A 80 0.45 21.32 4.75
C ARG A 80 0.44 21.69 6.24
N SER A 81 -0.46 21.09 7.00
CA SER A 81 -0.54 21.38 8.43
C SER A 81 0.72 20.94 9.17
N GLN A 82 1.56 20.17 8.50
CA GLN A 82 2.81 19.68 9.10
C GLN A 82 4.03 20.34 8.46
N GLY A 83 3.81 21.43 7.72
CA GLY A 83 4.91 22.13 7.09
C GLY A 83 5.64 21.30 6.04
N LEU A 84 5.00 20.22 5.60
CA LEU A 84 5.56 19.32 4.59
C LEU A 84 5.14 19.78 3.20
N LYS A 85 6.05 19.69 2.24
CA LYS A 85 5.75 20.11 0.88
C LYS A 85 6.13 19.08 -0.17
N PRO A 86 5.51 17.89 -0.13
CA PRO A 86 5.85 16.88 -1.14
C PRO A 86 5.06 17.14 -2.45
N ARG A 87 5.66 16.82 -3.59
CA ARG A 87 4.99 17.01 -4.87
C ARG A 87 3.90 15.95 -5.05
N LEU A 88 2.69 16.37 -5.41
CA LEU A 88 1.60 15.41 -5.58
C LEU A 88 1.23 15.18 -7.06
N ALA A 89 0.67 14.02 -7.35
CA ALA A 89 0.26 13.71 -8.72
C ALA A 89 -0.78 12.59 -8.74
N CYS A 90 -1.89 12.83 -9.43
CA CYS A 90 -2.95 11.86 -9.54
C CYS A 90 -2.69 11.03 -10.79
N GLN A 91 -2.32 9.77 -10.61
CA GLN A 91 -2.03 8.88 -11.73
C GLN A 91 -2.27 7.43 -11.37
N ASP A 92 -2.44 6.61 -12.39
CA ASP A 92 -2.63 5.18 -12.19
C ASP A 92 -1.25 4.52 -12.13
N ILE A 93 -0.97 3.83 -11.03
CA ILE A 93 0.32 3.14 -10.83
C ILE A 93 0.79 2.32 -12.03
N SER A 94 -0.15 1.73 -12.77
CA SER A 94 0.19 0.92 -13.93
C SER A 94 0.83 1.78 -15.00
N ASN A 95 0.45 3.05 -15.05
CA ASN A 95 0.99 4.01 -16.02
C ASN A 95 1.66 5.19 -15.35
N LEU A 96 2.54 4.91 -14.39
CA LEU A 96 3.26 5.95 -13.68
C LEU A 96 4.07 6.79 -14.69
N ASN A 97 3.82 8.10 -14.71
CA ASN A 97 4.52 9.01 -15.62
C ASN A 97 5.05 10.23 -14.89
N ILE A 98 6.17 10.06 -14.20
CA ILE A 98 6.80 11.15 -13.48
C ILE A 98 8.28 11.22 -13.90
N ASN A 99 8.68 12.33 -14.48
CA ASN A 99 10.05 12.49 -14.93
C ASN A 99 10.96 12.70 -13.73
N ARG A 100 11.24 11.63 -13.00
CA ARG A 100 12.07 11.73 -11.81
C ARG A 100 12.54 10.35 -11.34
N LYS A 101 13.72 10.30 -10.74
CA LYS A 101 14.27 9.05 -10.23
C LYS A 101 14.33 9.15 -8.71
N PHE A 102 14.23 8.01 -8.04
CA PHE A 102 14.26 8.03 -6.59
C PHE A 102 15.19 7.03 -5.92
N ASP A 103 15.42 7.28 -4.63
CA ASP A 103 16.28 6.43 -3.82
C ASP A 103 15.42 5.38 -3.16
N LEU A 104 14.22 5.79 -2.77
CA LEU A 104 13.28 4.92 -2.13
C LEU A 104 11.88 5.06 -2.74
N ILE A 105 11.29 3.93 -3.10
CA ILE A 105 9.94 3.93 -3.63
C ILE A 105 9.12 2.99 -2.75
N THR A 106 7.97 3.46 -2.28
CA THR A 106 7.11 2.62 -1.45
C THR A 106 5.71 2.47 -2.01
N CYS A 107 5.13 1.31 -1.75
CA CYS A 107 3.78 1.03 -2.17
C CYS A 107 3.28 0.01 -1.17
N CYS A 108 2.58 0.52 -0.17
CA CYS A 108 2.08 -0.31 0.92
C CYS A 108 0.57 -0.52 0.97
N LEU A 109 0.09 -1.08 2.09
CA LEU A 109 -1.34 -1.32 2.30
C LEU A 109 -1.98 -2.13 1.19
N ASP A 110 -1.32 -3.22 0.81
CA ASP A 110 -1.78 -4.13 -0.23
C ASP A 110 -2.30 -3.47 -1.51
N SER A 111 -1.76 -2.31 -1.86
CA SER A 111 -2.21 -1.65 -3.10
C SER A 111 -1.91 -2.48 -4.33
N THR A 112 -0.76 -3.15 -4.31
CA THR A 112 -0.37 -4.00 -5.42
C THR A 112 -1.45 -5.05 -5.74
N ASN A 113 -2.20 -5.51 -4.75
CA ASN A 113 -3.22 -6.51 -5.05
C ASN A 113 -4.38 -5.96 -5.88
N TYR A 114 -4.54 -4.65 -5.94
CA TYR A 114 -5.61 -4.06 -6.72
C TYR A 114 -5.33 -4.13 -8.22
N ILE A 115 -4.12 -4.50 -8.58
CA ILE A 115 -3.80 -4.64 -9.99
C ILE A 115 -4.12 -6.09 -10.30
N ILE A 116 -5.40 -6.35 -10.57
CA ILE A 116 -5.86 -7.71 -10.82
C ILE A 116 -5.47 -8.35 -12.13
N ASP A 117 -4.89 -7.58 -13.04
CA ASP A 117 -4.47 -8.09 -14.32
C ASP A 117 -2.96 -8.32 -14.33
N SER A 118 -2.52 -9.55 -14.55
CA SER A 118 -1.09 -9.84 -14.56
C SER A 118 -0.28 -8.90 -15.46
N ASP A 119 -0.85 -8.51 -16.60
CA ASP A 119 -0.13 -7.63 -17.51
C ASP A 119 0.08 -6.24 -16.94
N ASP A 120 -0.95 -5.69 -16.31
CA ASP A 120 -0.84 -4.38 -15.72
C ASP A 120 0.13 -4.42 -14.54
N LEU A 121 0.29 -5.59 -13.94
CA LEU A 121 1.20 -5.74 -12.82
C LEU A 121 2.63 -5.72 -13.34
N LYS A 122 2.82 -6.29 -14.53
CA LYS A 122 4.15 -6.31 -15.16
C LYS A 122 4.52 -4.87 -15.53
N LYS A 123 3.59 -4.15 -16.14
CA LYS A 123 3.83 -2.76 -16.51
C LYS A 123 4.21 -1.97 -15.27
N TYR A 124 3.50 -2.26 -14.19
CA TYR A 124 3.73 -1.64 -12.90
C TYR A 124 5.20 -1.84 -12.45
N PHE A 125 5.64 -3.09 -12.32
CA PHE A 125 7.00 -3.35 -11.89
C PHE A 125 7.99 -2.69 -12.83
N LYS A 126 7.69 -2.74 -14.12
CA LYS A 126 8.58 -2.11 -15.09
C LYS A 126 8.57 -0.59 -14.85
N ALA A 127 7.38 -0.04 -14.63
CA ALA A 127 7.24 1.40 -14.37
C ALA A 127 8.10 1.80 -13.19
N VAL A 128 8.03 1.00 -12.15
CA VAL A 128 8.78 1.23 -10.93
C VAL A 128 10.29 1.28 -11.20
N SER A 129 10.84 0.21 -11.79
CA SER A 129 12.26 0.17 -12.10
C SER A 129 12.70 1.34 -12.98
N ASN A 130 11.79 1.86 -13.80
CA ASN A 130 12.16 2.98 -14.64
C ASN A 130 12.23 4.28 -13.83
N HIS A 131 11.92 4.22 -12.53
CA HIS A 131 11.99 5.41 -11.70
C HIS A 131 12.94 5.27 -10.52
N LEU A 132 13.67 4.16 -10.49
CA LEU A 132 14.61 3.88 -9.41
C LEU A 132 16.04 4.31 -9.71
N LYS A 133 16.65 5.03 -8.78
CA LYS A 133 18.04 5.42 -9.00
C LYS A 133 18.84 4.16 -8.91
N GLU A 134 20.02 4.16 -9.53
CA GLU A 134 20.88 2.99 -9.46
C GLU A 134 21.24 2.95 -7.98
N GLY A 135 21.07 1.77 -7.38
CA GLY A 135 21.36 1.63 -5.96
C GLY A 135 20.16 1.98 -5.10
N GLY A 136 19.05 2.29 -5.74
CA GLY A 136 17.85 2.65 -4.99
C GLY A 136 17.07 1.41 -4.54
N VAL A 137 16.17 1.59 -3.58
CA VAL A 137 15.37 0.48 -3.06
C VAL A 137 13.87 0.68 -3.28
N PHE A 138 13.18 -0.43 -3.54
CA PHE A 138 11.73 -0.41 -3.75
C PHE A 138 11.08 -1.36 -2.75
N ILE A 139 10.21 -0.82 -1.90
CA ILE A 139 9.52 -1.58 -0.87
C ILE A 139 8.00 -1.57 -1.05
N PHE A 140 7.40 -2.76 -1.09
CA PHE A 140 5.95 -2.87 -1.25
C PHE A 140 5.45 -4.13 -0.57
N ASP A 141 4.16 -4.16 -0.21
CA ASP A 141 3.62 -5.35 0.42
C ASP A 141 2.37 -5.81 -0.29
N ILE A 142 2.00 -7.05 -0.03
CA ILE A 142 0.81 -7.62 -0.62
C ILE A 142 0.13 -8.52 0.39
N ASN A 143 -1.15 -8.76 0.18
CA ASN A 143 -1.87 -9.66 1.06
C ASN A 143 -1.48 -10.99 0.46
N SER A 144 -1.18 -11.95 1.33
CA SER A 144 -0.75 -13.27 0.90
C SER A 144 -1.88 -14.02 0.23
N TYR A 145 -1.52 -15.02 -0.56
CA TYR A 145 -2.51 -15.81 -1.26
C TYR A 145 -3.39 -16.54 -0.24
N TYR A 146 -2.80 -16.92 0.90
CA TYR A 146 -3.57 -17.62 1.91
C TYR A 146 -4.57 -16.72 2.58
N LYS A 147 -4.18 -15.46 2.79
CA LYS A 147 -5.03 -14.48 3.44
C LYS A 147 -6.30 -14.20 2.62
N LEU A 148 -6.14 -14.00 1.32
CA LEU A 148 -7.30 -13.71 0.49
C LEU A 148 -8.15 -14.93 0.18
N SER A 149 -7.50 -16.07 -0.06
CA SER A 149 -8.23 -17.29 -0.40
C SER A 149 -8.86 -18.01 0.78
N GLN A 150 -8.17 -18.05 1.93
CA GLN A 150 -8.71 -18.74 3.09
C GLN A 150 -9.26 -17.79 4.15
N VAL A 151 -8.39 -17.06 4.83
CA VAL A 151 -8.80 -16.15 5.89
C VAL A 151 -9.93 -15.21 5.47
N LEU A 152 -9.97 -14.79 4.21
CA LEU A 152 -11.07 -13.95 3.75
C LEU A 152 -12.11 -14.82 3.05
N GLY A 153 -11.70 -15.47 1.96
CA GLY A 153 -12.60 -16.32 1.21
C GLY A 153 -13.98 -15.73 0.99
N ASN A 154 -15.01 -16.47 1.42
CA ASN A 154 -16.42 -16.06 1.30
C ASN A 154 -17.06 -15.94 2.69
N ASN A 155 -16.49 -15.12 3.57
CA ASN A 155 -17.02 -14.93 4.92
C ASN A 155 -17.66 -13.56 5.12
N ASP A 156 -18.98 -13.53 5.31
CA ASP A 156 -19.67 -12.27 5.56
C ASP A 156 -19.54 -11.99 7.06
N PHE A 157 -19.36 -10.73 7.45
CA PHE A 157 -19.18 -10.40 8.86
C PHE A 157 -19.82 -9.06 9.25
N ASN A 158 -20.37 -9.01 10.46
CA ASN A 158 -21.01 -7.79 10.99
C ASN A 158 -20.22 -7.28 12.19
N TYR A 159 -20.00 -5.98 12.24
CA TYR A 159 -19.27 -5.34 13.33
C TYR A 159 -20.14 -4.24 13.88
N ASP A 160 -20.15 -4.06 15.19
CA ASP A 160 -20.98 -3.03 15.78
C ASP A 160 -20.45 -2.38 17.04
N ASP A 161 -19.50 -1.46 16.93
CA ASP A 161 -19.02 -0.76 18.13
C ASP A 161 -19.94 0.46 18.13
N ASP A 162 -20.29 0.98 19.29
CA ASP A 162 -21.24 2.09 19.35
C ASP A 162 -20.96 3.41 18.62
N GLU A 163 -20.00 3.41 17.70
CA GLU A 163 -19.70 4.62 16.93
C GLU A 163 -19.53 4.30 15.44
N VAL A 164 -19.19 3.05 15.17
CA VAL A 164 -19.01 2.60 13.80
C VAL A 164 -19.68 1.25 13.61
N PHE A 165 -20.50 1.15 12.57
CA PHE A 165 -21.20 -0.09 12.25
C PHE A 165 -20.87 -0.46 10.80
N TYR A 166 -20.58 -1.74 10.54
CA TYR A 166 -20.27 -2.15 9.18
C TYR A 166 -20.60 -3.61 8.88
N TYR A 167 -21.01 -3.87 7.63
CA TYR A 167 -21.32 -5.22 7.18
C TYR A 167 -20.34 -5.47 6.04
N TRP A 168 -19.54 -6.51 6.17
CA TRP A 168 -18.52 -6.82 5.17
C TRP A 168 -18.77 -8.21 4.54
N GLU A 169 -19.00 -8.24 3.24
CA GLU A 169 -19.23 -9.51 2.56
C GLU A 169 -18.07 -9.82 1.59
N ASN A 170 -17.51 -11.02 1.72
CA ASN A 170 -16.41 -11.43 0.87
C ASN A 170 -16.83 -12.46 -0.14
N GLN A 171 -16.40 -12.29 -1.38
CA GLN A 171 -16.72 -13.23 -2.43
C GLN A 171 -15.39 -13.63 -3.07
N PHE A 172 -15.00 -14.88 -2.93
CA PHE A 172 -13.75 -15.35 -3.51
C PHE A 172 -14.04 -16.27 -4.67
N GLU A 173 -13.37 -16.03 -5.79
CA GLU A 173 -13.57 -16.81 -7.00
C GLU A 173 -12.45 -16.65 -8.02
N ASP A 174 -11.89 -17.78 -8.45
CA ASP A 174 -10.83 -17.75 -9.46
C ASP A 174 -9.73 -16.76 -9.08
N ASP A 175 -9.09 -17.01 -7.95
CA ASP A 175 -8.01 -16.17 -7.46
C ASP A 175 -8.33 -14.68 -7.27
N LEU A 176 -9.60 -14.32 -7.36
CA LEU A 176 -9.99 -12.94 -7.19
C LEU A 176 -10.96 -12.81 -6.02
N VAL A 177 -10.68 -11.88 -5.12
CA VAL A 177 -11.53 -11.65 -3.97
C VAL A 177 -12.29 -10.36 -4.15
N SER A 178 -13.61 -10.41 -4.03
CA SER A 178 -14.41 -9.21 -4.17
C SER A 178 -14.97 -8.86 -2.79
N MSE A 179 -14.66 -7.66 -2.33
CA MSE A 179 -15.09 -7.21 -1.02
C MSE A 179 -16.13 -6.13 -1.13
O MSE A 179 -15.93 -5.12 -1.81
CB MSE A 179 -13.90 -6.68 -0.24
CG MSE A 179 -12.67 -7.57 -0.28
SE MSE A 179 -11.16 -6.75 0.64
CE MSE A 179 -10.00 -6.44 -0.87
N TYR A 180 -17.25 -6.32 -0.46
CA TYR A 180 -18.31 -5.33 -0.47
C TYR A 180 -18.49 -4.91 0.97
N ILE A 181 -18.30 -3.63 1.25
CA ILE A 181 -18.43 -3.18 2.63
C ILE A 181 -19.22 -1.90 2.80
N SER A 182 -20.25 -1.99 3.63
CA SER A 182 -21.11 -0.85 3.94
C SER A 182 -20.79 -0.37 5.36
N PHE A 183 -20.32 0.86 5.45
CA PHE A 183 -20.00 1.47 6.74
C PHE A 183 -21.08 2.45 7.11
N PHE A 184 -21.25 2.61 8.41
CA PHE A 184 -22.20 3.56 8.95
C PHE A 184 -21.42 4.17 10.10
N VAL A 185 -21.06 5.44 9.96
CA VAL A 185 -20.30 6.11 11.00
C VAL A 185 -21.14 7.11 11.76
N ARG A 186 -20.98 7.12 13.08
CA ARG A 186 -21.73 8.05 13.94
C ARG A 186 -21.31 9.49 13.68
N ASP A 187 -22.30 10.38 13.65
CA ASP A 187 -22.06 11.81 13.44
C ASP A 187 -23.07 12.56 14.29
N GLY A 188 -23.16 12.15 15.56
CA GLY A 188 -24.10 12.79 16.47
C GLY A 188 -25.38 11.98 16.57
N GLU A 189 -26.50 12.57 16.17
CA GLU A 189 -27.77 11.89 16.25
C GLU A 189 -28.06 11.13 14.95
N PHE A 190 -27.16 11.27 13.98
CA PHE A 190 -27.35 10.58 12.71
C PHE A 190 -26.10 9.82 12.32
N TYR A 191 -26.22 9.03 11.26
CA TYR A 191 -25.09 8.26 10.75
C TYR A 191 -24.90 8.59 9.30
N LYS A 192 -23.65 8.48 8.84
CA LYS A 192 -23.32 8.72 7.44
C LYS A 192 -22.88 7.40 6.86
N ARG A 193 -23.39 7.05 5.69
CA ARG A 193 -23.05 5.79 5.05
C ARG A 193 -21.80 5.87 4.15
N PHE A 194 -21.11 4.75 4.04
CA PHE A 194 -19.91 4.62 3.22
C PHE A 194 -19.85 3.25 2.56
N ASP A 195 -20.19 3.16 1.29
CA ASP A 195 -20.13 1.87 0.60
C ASP A 195 -18.81 1.69 -0.12
N GLU A 196 -17.98 0.75 0.33
CA GLU A 196 -16.70 0.49 -0.32
C GLU A 196 -16.72 -0.87 -0.99
N GLU A 197 -16.27 -0.90 -2.25
CA GLU A 197 -16.22 -2.14 -3.01
C GLU A 197 -14.87 -2.23 -3.70
N HIS A 198 -14.04 -3.15 -3.23
CA HIS A 198 -12.72 -3.32 -3.81
C HIS A 198 -12.52 -4.75 -4.31
N GLU A 199 -11.56 -4.92 -5.21
CA GLU A 199 -11.26 -6.23 -5.78
C GLU A 199 -9.76 -6.42 -5.71
N GLU A 200 -9.32 -7.52 -5.10
CA GLU A 200 -7.89 -7.82 -4.98
C GLU A 200 -7.58 -9.21 -5.55
N ARG A 201 -6.46 -9.35 -6.24
CA ARG A 201 -6.11 -10.65 -6.79
C ARG A 201 -5.16 -11.35 -5.84
N ALA A 202 -5.33 -12.66 -5.72
CA ALA A 202 -4.46 -13.42 -4.84
C ALA A 202 -3.29 -13.96 -5.64
N TYR A 203 -2.17 -13.25 -5.56
CA TYR A 203 -0.95 -13.63 -6.26
C TYR A 203 -0.07 -14.55 -5.42
N LYS A 204 0.50 -15.56 -6.06
CA LYS A 204 1.39 -16.50 -5.36
C LYS A 204 2.80 -15.94 -5.40
N GLU A 205 3.55 -16.13 -4.33
CA GLU A 205 4.91 -15.63 -4.26
C GLU A 205 5.73 -16.03 -5.47
N GLU A 206 5.42 -17.21 -6.00
CA GLU A 206 6.10 -17.72 -7.17
C GLU A 206 5.82 -16.81 -8.36
N ASP A 207 4.56 -16.39 -8.48
CA ASP A 207 4.13 -15.50 -9.56
C ASP A 207 4.72 -14.11 -9.41
N ILE A 208 4.76 -13.62 -8.17
CA ILE A 208 5.30 -12.30 -7.92
C ILE A 208 6.78 -12.29 -8.26
N GLU A 209 7.50 -13.30 -7.78
CA GLU A 209 8.91 -13.41 -8.02
C GLU A 209 9.20 -13.41 -9.51
N LYS A 210 8.39 -14.13 -10.28
CA LYS A 210 8.56 -14.19 -11.73
C LYS A 210 8.31 -12.80 -12.35
N TYR A 211 7.17 -12.19 -12.02
CA TYR A 211 6.81 -10.88 -12.53
C TYR A 211 7.84 -9.83 -12.14
N LEU A 212 8.48 -10.00 -10.99
CA LEU A 212 9.48 -9.04 -10.56
C LEU A 212 10.66 -9.11 -11.50
N LYS A 213 11.18 -10.32 -11.70
CA LYS A 213 12.32 -10.54 -12.58
C LYS A 213 12.04 -9.94 -13.95
N HIS A 214 10.80 -10.07 -14.40
CA HIS A 214 10.38 -9.55 -15.67
C HIS A 214 10.64 -8.03 -15.69
N GLY A 215 10.52 -7.40 -14.53
CA GLY A 215 10.76 -5.98 -14.42
C GLY A 215 12.22 -5.66 -14.13
N GLN A 216 13.08 -6.63 -14.38
CA GLN A 216 14.51 -6.46 -14.15
C GLN A 216 14.81 -6.06 -12.70
N LEU A 217 13.94 -6.45 -11.78
CA LEU A 217 14.13 -6.13 -10.38
C LEU A 217 14.62 -7.36 -9.60
N ASN A 218 15.60 -7.17 -8.72
CA ASN A 218 16.15 -8.27 -7.92
C ASN A 218 15.65 -8.21 -6.47
N ILE A 219 15.35 -9.38 -5.89
CA ILE A 219 14.85 -9.42 -4.51
C ILE A 219 15.98 -9.31 -3.49
N LEU A 220 15.84 -8.37 -2.57
CA LEU A 220 16.84 -8.15 -1.54
C LEU A 220 16.39 -8.78 -0.22
N ASP A 221 15.09 -9.04 -0.12
CA ASP A 221 14.57 -9.64 1.07
C ASP A 221 13.07 -9.80 0.95
N LYS A 222 12.56 -10.86 1.56
CA LYS A 222 11.15 -11.20 1.57
C LYS A 222 10.80 -11.59 3.01
N VAL A 223 10.18 -10.66 3.74
CA VAL A 223 9.83 -10.92 5.12
C VAL A 223 8.32 -10.92 5.42
N ASP A 224 8.01 -11.15 6.69
CA ASP A 224 6.63 -11.19 7.14
C ASP A 224 6.19 -9.86 7.74
N CYS A 225 5.20 -9.26 7.10
CA CYS A 225 4.64 -8.00 7.53
C CYS A 225 5.56 -7.03 8.24
N TYR A 226 6.44 -6.39 7.45
CA TYR A 226 7.40 -5.39 7.92
C TYR A 226 8.18 -5.71 9.21
N SER A 227 8.95 -6.79 9.16
CA SER A 227 9.76 -7.20 10.29
C SER A 227 10.77 -8.19 9.77
N ASN A 228 11.75 -8.52 10.60
CA ASN A 228 12.79 -9.46 10.21
C ASN A 228 12.25 -10.88 10.11
N LYS A 229 11.09 -11.16 10.71
CA LYS A 229 10.55 -12.50 10.64
C LYS A 229 10.44 -13.00 9.21
N LYS A 230 10.70 -14.29 9.03
CA LYS A 230 10.65 -14.94 7.73
C LYS A 230 9.20 -15.30 7.33
N VAL A 231 8.94 -15.36 6.03
CA VAL A 231 7.61 -15.70 5.52
C VAL A 231 7.31 -17.18 5.74
N GLU A 232 6.14 -17.47 6.28
CA GLU A 232 5.72 -18.84 6.55
C GLU A 232 4.38 -19.13 5.93
N LYS A 233 4.07 -20.42 5.82
CA LYS A 233 2.84 -20.92 5.24
C LYS A 233 1.58 -20.12 5.56
N PHE A 234 1.49 -19.57 6.76
CA PHE A 234 0.29 -18.84 7.13
C PHE A 234 0.41 -17.33 7.18
N THR A 235 1.55 -16.81 6.73
CA THR A 235 1.77 -15.36 6.72
C THR A 235 0.64 -14.65 6.00
N GLU A 236 0.17 -13.54 6.55
CA GLU A 236 -0.93 -12.84 5.91
C GLU A 236 -0.50 -11.64 5.09
N ARG A 237 0.65 -11.06 5.40
CA ARG A 237 1.12 -9.89 4.67
C ARG A 237 2.61 -10.00 4.39
N ILE A 238 2.97 -10.07 3.12
CA ILE A 238 4.34 -10.20 2.72
C ILE A 238 4.97 -8.88 2.29
N THR A 239 6.11 -8.54 2.90
CA THR A 239 6.79 -7.31 2.52
C THR A 239 8.04 -7.61 1.69
N TYR A 240 8.02 -7.16 0.44
CA TYR A 240 9.14 -7.36 -0.45
C TYR A 240 10.05 -6.14 -0.47
N LEU A 241 11.34 -6.41 -0.63
CA LEU A 241 12.35 -5.36 -0.69
C LEU A 241 13.20 -5.67 -1.92
N VAL A 242 13.12 -4.82 -2.94
CA VAL A 242 13.86 -5.04 -4.17
C VAL A 242 14.67 -3.83 -4.63
N LYS A 243 15.52 -4.06 -5.63
CA LYS A 243 16.36 -3.02 -6.21
C LYS A 243 16.60 -3.31 -7.69
N LEU A 244 17.20 -2.36 -8.39
CA LEU A 244 17.48 -2.50 -9.82
C LEU A 244 18.50 -3.59 -10.04
N GLY A 245 18.12 -4.59 -10.84
CA GLY A 245 19.03 -5.68 -11.12
C GLY A 245 19.62 -5.64 -12.52
N GLY A 246 18.77 -5.93 -13.50
CA GLY A 246 19.22 -5.93 -14.88
C GLY A 246 20.09 -7.14 -15.22
S SO4 B . 3.50 -20.13 -3.40
O1 SO4 B . 4.21 -19.93 -2.12
O2 SO4 B . 4.33 -19.62 -4.51
O3 SO4 B . 3.25 -21.58 -3.60
O4 SO4 B . 2.21 -19.40 -3.38
#